data_5E1D
#
_entry.id   5E1D
#
_cell.length_a   107.082
_cell.length_b   107.082
_cell.length_c   205.946
_cell.angle_alpha   90.000
_cell.angle_beta   90.000
_cell.angle_gamma   120.000
#
_symmetry.space_group_name_H-M   'P 65 2 2'
#
loop_
_entity.id
_entity.type
_entity.pdbx_description
1 polymer 'N-terminal Xaa-Pro-Lys N-methyltransferase 1'
2 polymer RCC1
3 non-polymer S-ADENOSYL-L-HOMOCYSTEINE
4 non-polymer GLYCEROL
5 non-polymer 'UNKNOWN ATOM OR ION'
6 water water
#
loop_
_entity_poly.entity_id
_entity_poly.type
_entity_poly.pdbx_seq_one_letter_code
_entity_poly.pdbx_strand_id
1 'polypeptide(L)'
;MGSSHHHHHHSSGLVPRGSTSEVIEDEKQFYSKAKTYWKQIPPTVDGMLGGYGHISSIDINSSRKFLQRFLREGPNKTGT
SCALDCGAGIGRITKRLLLPLFREVDMVDITEDFLVQAKTYLGEEGKRVRNYFCCGLQDFTPEPDSYDVIWIQWVIGHLT
DQHLAEFLRRCKGSLRPNGIIVIKDNMAQEGVILDDVDSSVCRDLDVVRRIICSAGLSLLAEERQENLPDEIYHVYSFAL
R
;
A,B
2 'polypeptide(L)' YPKRIA D,E
#
loop_
_chem_comp.id
_chem_comp.type
_chem_comp.name
_chem_comp.formula
GOL non-polymer GLYCEROL 'C3 H8 O3'
UNX non-polymer 'UNKNOWN ATOM OR ION' ?
#
# COMPACT_ATOMS: atom_id res chain seq x y z
N VAL A 15 28.21 25.39 -9.61
CA VAL A 15 26.94 26.14 -9.38
C VAL A 15 25.71 25.27 -9.69
N PRO A 16 24.81 25.09 -8.70
CA PRO A 16 23.54 24.43 -9.02
C PRO A 16 22.72 25.22 -10.01
N ARG A 17 21.93 24.52 -10.81
CA ARG A 17 20.99 25.19 -11.71
C ARG A 17 19.80 25.66 -10.90
N GLY A 18 19.24 26.83 -11.12
CA GLY A 18 18.12 27.30 -10.36
C GLY A 18 16.84 27.50 -11.09
N SER A 19 16.81 27.14 -12.38
CA SER A 19 15.59 27.22 -13.12
C SER A 19 15.53 26.21 -14.26
N THR A 20 14.33 25.89 -14.69
CA THR A 20 14.17 24.93 -15.80
C THR A 20 14.80 25.46 -17.09
N SER A 21 14.86 26.78 -17.26
CA SER A 21 15.49 27.35 -18.40
C SER A 21 16.96 27.03 -18.49
N GLU A 22 17.61 26.56 -17.45
CA GLU A 22 18.99 26.12 -17.53
C GLU A 22 19.15 24.64 -17.89
N VAL A 23 18.06 23.87 -17.80
CA VAL A 23 18.17 22.43 -17.99
C VAL A 23 17.39 21.85 -19.18
N ILE A 24 16.39 22.57 -19.70
CA ILE A 24 15.53 22.03 -20.77
C ILE A 24 16.04 22.56 -22.09
N GLU A 25 16.51 21.66 -22.96
CA GLU A 25 17.06 22.06 -24.27
C GLU A 25 15.97 22.60 -25.20
N ASP A 26 14.80 21.99 -25.18
CA ASP A 26 13.76 22.23 -26.18
C ASP A 26 12.43 21.99 -25.51
N GLU A 27 11.66 23.02 -25.28
CA GLU A 27 10.42 22.90 -24.51
C GLU A 27 9.45 21.94 -25.20
N LYS A 28 9.36 21.99 -26.51
CA LYS A 28 8.36 21.16 -27.22
C LYS A 28 8.75 19.70 -27.04
N GLN A 29 10.02 19.36 -27.06
CA GLN A 29 10.48 17.99 -26.86
C GLN A 29 10.34 17.57 -25.42
N PHE A 30 10.51 18.49 -24.47
CA PHE A 30 10.34 18.20 -23.05
C PHE A 30 8.93 17.66 -22.84
N TYR A 31 7.94 18.28 -23.42
CA TYR A 31 6.57 17.85 -23.27
C TYR A 31 6.31 16.62 -24.15
N SER A 32 6.75 16.59 -25.36
CA SER A 32 6.40 15.44 -26.23
C SER A 32 7.06 14.18 -25.75
N LYS A 33 8.28 14.22 -25.24
CA LYS A 33 8.92 13.04 -24.72
C LYS A 33 8.19 12.52 -23.48
N ALA A 34 7.74 13.40 -22.59
CA ALA A 34 7.01 12.96 -21.41
C ALA A 34 5.73 12.30 -21.81
N LYS A 35 5.04 12.82 -22.81
CA LYS A 35 3.77 12.19 -23.24
C LYS A 35 4.04 10.81 -23.78
N THR A 36 5.08 10.66 -24.57
CA THR A 36 5.45 9.32 -25.10
C THR A 36 5.83 8.38 -23.98
N TYR A 37 6.56 8.83 -22.97
CA TYR A 37 6.96 8.02 -21.81
CA TYR A 37 6.94 8.02 -21.84
C TYR A 37 5.71 7.47 -21.15
N TRP A 38 4.76 8.32 -20.81
CA TRP A 38 3.57 7.86 -20.03
C TRP A 38 2.68 6.99 -20.86
N LYS A 39 2.65 7.14 -22.17
CA LYS A 39 1.86 6.29 -23.07
CA LYS A 39 1.86 6.29 -23.05
C LYS A 39 2.30 4.83 -23.00
N GLN A 40 3.54 4.56 -22.59
CA GLN A 40 4.05 3.20 -22.53
C GLN A 40 4.14 2.63 -21.11
N ILE A 41 3.57 3.32 -20.13
CA ILE A 41 3.51 2.84 -18.78
C ILE A 41 2.19 2.08 -18.56
N PRO A 42 2.23 0.94 -17.85
CA PRO A 42 0.96 0.23 -17.60
C PRO A 42 0.03 1.05 -16.71
N PRO A 43 -1.27 0.93 -16.99
CA PRO A 43 -2.28 1.69 -16.25
C PRO A 43 -2.63 1.03 -14.90
N THR A 44 -1.64 0.99 -14.03
CA THR A 44 -1.70 0.30 -12.76
C THR A 44 -1.08 1.18 -11.68
N VAL A 45 -1.36 0.91 -10.42
CA VAL A 45 -0.76 1.67 -9.32
C VAL A 45 0.79 1.59 -9.36
N ASP A 46 1.34 0.45 -9.70
CA ASP A 46 2.78 0.33 -9.80
CA ASP A 46 2.78 0.34 -9.82
C ASP A 46 3.28 1.19 -10.96
N GLY A 47 2.52 1.33 -12.03
CA GLY A 47 2.87 2.23 -13.09
C GLY A 47 2.84 3.68 -12.64
N MET A 48 1.81 4.09 -11.93
CA MET A 48 1.72 5.46 -11.42
C MET A 48 2.90 5.77 -10.51
N LEU A 49 3.38 4.79 -9.74
CA LEU A 49 4.35 5.02 -8.72
C LEU A 49 5.74 4.54 -9.07
N GLY A 50 5.99 4.30 -10.35
CA GLY A 50 7.35 4.00 -10.76
C GLY A 50 7.96 2.77 -10.17
N GLY A 51 7.15 1.73 -9.92
CA GLY A 51 7.59 0.50 -9.28
C GLY A 51 7.52 0.49 -7.76
N TYR A 52 7.07 1.59 -7.21
CA TYR A 52 6.92 1.71 -5.75
C TYR A 52 5.45 1.64 -5.36
N GLY A 53 4.65 0.89 -6.10
CA GLY A 53 3.24 0.73 -5.73
C GLY A 53 2.99 0.36 -4.28
N HIS A 54 3.89 -0.40 -3.72
CA HIS A 54 3.80 -0.85 -2.33
C HIS A 54 3.81 0.27 -1.33
N ILE A 55 4.28 1.48 -1.65
CA ILE A 55 4.25 2.60 -0.70
C ILE A 55 2.93 3.37 -0.75
N SER A 56 1.96 2.95 -1.58
CA SER A 56 0.79 3.76 -1.74
C SER A 56 0.04 4.05 -0.44
N SER A 57 -0.05 3.05 0.44
CA SER A 57 -0.85 3.23 1.66
C SER A 57 -0.17 4.22 2.62
N ILE A 58 1.17 4.12 2.76
CA ILE A 58 1.91 5.11 3.55
C ILE A 58 1.63 6.51 3.06
N ASP A 59 1.66 6.71 1.72
CA ASP A 59 1.43 7.98 1.09
C ASP A 59 0.03 8.46 1.39
N ILE A 60 -0.97 7.64 1.15
CA ILE A 60 -2.38 8.09 1.29
C ILE A 60 -2.66 8.40 2.73
N ASN A 61 -2.16 7.61 3.68
CA ASN A 61 -2.41 7.90 5.09
C ASN A 61 -1.85 9.23 5.49
N SER A 62 -0.67 9.54 5.01
CA SER A 62 -0.05 10.83 5.36
C SER A 62 -0.78 11.99 4.67
N SER A 63 -1.16 11.81 3.45
CA SER A 63 -1.95 12.84 2.72
C SER A 63 -3.25 13.10 3.46
N ARG A 64 -3.91 12.06 3.92
CA ARG A 64 -5.20 12.24 4.60
C ARG A 64 -5.01 13.06 5.85
N LYS A 65 -4.01 12.73 6.66
CA LYS A 65 -3.78 13.49 7.89
C LYS A 65 -3.43 14.96 7.55
N PHE A 66 -2.64 15.16 6.53
CA PHE A 66 -2.28 16.55 6.11
C PHE A 66 -3.51 17.30 5.72
N LEU A 67 -4.36 16.71 4.91
CA LEU A 67 -5.59 17.36 4.46
C LEU A 67 -6.55 17.61 5.55
N GLN A 68 -6.67 16.71 6.51
CA GLN A 68 -7.69 16.87 7.53
C GLN A 68 -7.46 18.06 8.44
N ARG A 69 -6.24 18.55 8.52
CA ARG A 69 -5.84 19.83 9.20
CA ARG A 69 -6.07 19.75 9.32
C ARG A 69 -6.85 20.94 8.71
N PHE A 70 -7.12 20.94 7.44
CA PHE A 70 -7.86 22.04 6.79
C PHE A 70 -9.35 21.88 6.76
N LEU A 71 -9.80 20.71 7.19
CA LEU A 71 -11.23 20.40 7.24
C LEU A 71 -11.86 20.59 8.58
N ARG A 72 -11.14 21.03 9.62
CA ARG A 72 -11.69 21.30 10.90
C ARG A 72 -12.71 22.43 10.86
N GLU A 73 -13.72 22.40 11.71
CA GLU A 73 -14.66 23.50 11.80
C GLU A 73 -13.96 24.80 12.20
N GLY A 74 -14.43 25.91 11.68
CA GLY A 74 -13.89 27.23 12.05
C GLY A 74 -14.06 28.11 10.84
N PRO A 75 -13.53 29.36 10.91
CA PRO A 75 -13.78 30.35 9.90
C PRO A 75 -13.15 30.04 8.61
N ASN A 76 -12.10 29.24 8.57
CA ASN A 76 -11.39 28.96 7.36
C ASN A 76 -11.55 27.57 6.86
N LYS A 77 -12.54 26.85 7.39
CA LYS A 77 -12.75 25.44 7.02
C LYS A 77 -12.85 25.27 5.51
N THR A 78 -12.04 24.38 4.96
CA THR A 78 -12.14 24.03 3.54
C THR A 78 -13.37 23.18 3.35
N GLY A 79 -14.09 23.46 2.25
CA GLY A 79 -15.29 22.70 1.96
C GLY A 79 -14.99 21.31 1.40
N THR A 80 -16.09 20.57 1.23
CA THR A 80 -16.04 19.19 0.83
C THR A 80 -16.95 18.91 -0.36
N SER A 81 -17.26 19.91 -1.15
CA SER A 81 -18.13 19.74 -2.32
CA SER A 81 -18.12 19.72 -2.31
C SER A 81 -17.39 19.17 -3.53
N CYS A 82 -16.19 19.65 -3.83
CA CYS A 82 -15.53 19.25 -5.08
C CYS A 82 -14.04 19.39 -5.00
N ALA A 83 -13.34 18.36 -5.46
CA ALA A 83 -11.89 18.42 -5.57
C ALA A 83 -11.50 18.21 -7.02
N LEU A 84 -10.29 18.67 -7.34
CA LEU A 84 -9.63 18.44 -8.66
C LEU A 84 -8.34 17.68 -8.41
N ASP A 85 -8.21 16.53 -9.08
CA ASP A 85 -6.98 15.70 -9.00
C ASP A 85 -6.21 15.92 -10.28
N CYS A 86 -5.05 16.58 -10.14
CA CYS A 86 -4.22 16.98 -11.28
C CYS A 86 -3.12 16.01 -11.54
N GLY A 87 -2.94 15.63 -12.82
CA GLY A 87 -2.05 14.46 -13.13
C GLY A 87 -2.56 13.24 -12.41
N ALA A 88 -3.86 13.03 -12.50
CA ALA A 88 -4.54 12.00 -11.67
C ALA A 88 -4.18 10.59 -12.06
N GLY A 89 -3.71 10.37 -13.26
CA GLY A 89 -3.47 9.01 -13.75
C GLY A 89 -4.76 8.22 -13.70
N ILE A 90 -4.64 6.97 -13.22
CA ILE A 90 -5.79 6.10 -13.12
C ILE A 90 -6.70 6.41 -11.96
N GLY A 91 -6.27 7.34 -11.11
CA GLY A 91 -7.10 7.77 -10.01
C GLY A 91 -6.81 7.17 -8.67
N ARG A 92 -5.56 6.78 -8.44
CA ARG A 92 -5.14 6.26 -7.14
C ARG A 92 -5.53 7.20 -6.01
N ILE A 93 -5.25 8.47 -6.17
CA ILE A 93 -5.54 9.44 -5.09
C ILE A 93 -7.04 9.74 -5.06
N THR A 94 -7.67 9.86 -6.24
CA THR A 94 -9.11 10.06 -6.33
C THR A 94 -9.82 8.93 -5.59
N LYS A 95 -9.39 7.68 -5.79
CA LYS A 95 -10.07 6.57 -5.15
C LYS A 95 -9.92 6.54 -3.65
N ARG A 96 -8.66 6.64 -3.22
CA ARG A 96 -8.36 6.30 -1.84
C ARG A 96 -8.42 7.52 -0.91
N LEU A 97 -8.16 8.74 -1.42
CA LEU A 97 -8.17 9.95 -0.60
C LEU A 97 -9.38 10.84 -0.88
N LEU A 98 -9.62 11.17 -2.14
CA LEU A 98 -10.55 12.28 -2.42
C LEU A 98 -12.03 11.86 -2.49
N LEU A 99 -12.39 10.79 -3.19
CA LEU A 99 -13.80 10.41 -3.24
C LEU A 99 -14.40 10.16 -1.91
N PRO A 100 -13.65 9.63 -0.92
CA PRO A 100 -14.31 9.43 0.33
C PRO A 100 -14.65 10.71 1.10
N LEU A 101 -13.95 11.79 0.75
CA LEU A 101 -14.08 13.06 1.46
C LEU A 101 -14.83 14.16 0.72
N PHE A 102 -14.97 14.07 -0.59
CA PHE A 102 -15.56 15.14 -1.41
C PHE A 102 -16.74 14.59 -2.17
N ARG A 103 -17.78 15.36 -2.28
CA ARG A 103 -18.98 14.89 -2.94
CA ARG A 103 -18.98 14.89 -2.94
C ARG A 103 -18.75 14.52 -4.39
N GLU A 104 -17.98 15.35 -5.09
CA GLU A 104 -17.58 15.11 -6.46
C GLU A 104 -16.12 15.35 -6.65
N VAL A 105 -15.53 14.71 -7.62
CA VAL A 105 -14.15 14.94 -7.97
C VAL A 105 -14.01 15.05 -9.47
N ASP A 106 -13.20 16.02 -9.93
CA ASP A 106 -12.76 16.05 -11.33
C ASP A 106 -11.32 15.54 -11.46
N MET A 107 -11.00 14.91 -12.58
CA MET A 107 -9.66 14.42 -12.83
C MET A 107 -9.12 15.10 -14.08
N VAL A 108 -7.83 15.43 -14.08
CA VAL A 108 -7.17 15.87 -15.30
C VAL A 108 -5.88 15.14 -15.50
N ASP A 109 -5.62 14.64 -16.69
CA ASP A 109 -4.39 13.93 -17.00
C ASP A 109 -4.14 13.99 -18.48
N ILE A 110 -2.87 13.95 -18.88
CA ILE A 110 -2.55 13.96 -20.27
CA ILE A 110 -2.49 13.93 -20.33
C ILE A 110 -2.76 12.64 -21.02
N THR A 111 -2.82 11.52 -20.26
CA THR A 111 -2.75 10.21 -20.84
C THR A 111 -4.16 9.60 -20.91
N GLU A 112 -4.77 9.60 -22.07
CA GLU A 112 -6.16 9.11 -22.26
C GLU A 112 -6.34 7.71 -21.72
N ASP A 113 -5.37 6.84 -21.94
CA ASP A 113 -5.54 5.42 -21.53
C ASP A 113 -5.67 5.32 -20.02
N PHE A 114 -5.07 6.24 -19.27
CA PHE A 114 -5.24 6.20 -17.79
C PHE A 114 -6.63 6.61 -17.38
N LEU A 115 -7.16 7.64 -18.01
CA LEU A 115 -8.53 8.08 -17.72
C LEU A 115 -9.55 7.00 -18.14
N VAL A 116 -9.28 6.25 -19.22
CA VAL A 116 -10.15 5.10 -19.55
C VAL A 116 -10.07 4.04 -18.44
N GLN A 117 -8.84 3.71 -18.04
CA GLN A 117 -8.68 2.69 -16.99
C GLN A 117 -9.33 3.13 -15.70
N ALA A 118 -9.33 4.42 -15.43
CA ALA A 118 -9.92 4.95 -14.20
C ALA A 118 -11.37 4.53 -14.03
N LYS A 119 -12.10 4.45 -15.12
CA LYS A 119 -13.51 4.12 -15.03
C LYS A 119 -13.62 2.72 -14.39
N THR A 120 -12.73 1.79 -14.71
CA THR A 120 -12.69 0.48 -14.07
C THR A 120 -12.09 0.53 -12.66
N TYR A 121 -10.94 1.16 -12.55
CA TYR A 121 -10.22 1.22 -11.29
C TYR A 121 -11.05 1.79 -10.18
N LEU A 122 -11.81 2.86 -10.49
CA LEU A 122 -12.58 3.54 -9.45
C LEU A 122 -13.80 2.80 -9.04
N GLY A 123 -14.33 1.94 -9.86
CA GLY A 123 -15.50 1.19 -9.45
C GLY A 123 -16.73 2.03 -9.24
N GLU A 124 -17.59 1.56 -8.34
CA GLU A 124 -18.85 2.21 -8.11
C GLU A 124 -18.74 3.65 -7.64
N GLU A 125 -17.78 3.93 -6.79
CA GLU A 125 -17.60 5.29 -6.28
C GLU A 125 -17.18 6.23 -7.38
N GLY A 126 -16.57 5.67 -8.44
CA GLY A 126 -16.19 6.48 -9.58
C GLY A 126 -17.36 7.15 -10.30
N LYS A 127 -18.58 6.73 -10.02
CA LYS A 127 -19.76 7.41 -10.55
C LYS A 127 -19.82 8.85 -10.04
N ARG A 128 -19.08 9.18 -8.97
CA ARG A 128 -19.05 10.56 -8.47
C ARG A 128 -17.89 11.38 -9.04
N VAL A 129 -17.08 10.78 -9.89
CA VAL A 129 -16.19 11.58 -10.74
C VAL A 129 -17.02 12.29 -11.79
N ARG A 130 -16.87 13.59 -11.86
CA ARG A 130 -17.72 14.40 -12.73
C ARG A 130 -16.96 14.52 -14.09
N ASN A 131 -15.99 15.40 -14.16
CA ASN A 131 -15.26 15.60 -15.40
C ASN A 131 -13.96 14.76 -15.42
N TYR A 132 -13.73 14.09 -16.55
CA TYR A 132 -12.47 13.50 -16.89
C TYR A 132 -11.84 14.36 -17.99
N PHE A 133 -10.93 15.21 -17.65
CA PHE A 133 -10.29 16.09 -18.62
C PHE A 133 -9.00 15.45 -19.13
N CYS A 134 -8.92 15.25 -20.44
CA CYS A 134 -7.69 14.73 -21.03
C CYS A 134 -6.97 15.92 -21.68
N CYS A 135 -5.96 16.40 -20.98
N CYS A 135 -5.96 16.43 -21.00
CA CYS A 135 -5.34 17.70 -21.25
CA CYS A 135 -5.06 17.45 -21.58
C CYS A 135 -4.00 17.75 -20.47
C CYS A 135 -3.98 17.70 -20.55
N GLY A 136 -2.98 18.40 -21.04
CA GLY A 136 -1.84 18.76 -20.23
C GLY A 136 -2.18 19.88 -19.28
N LEU A 137 -1.58 19.90 -18.10
CA LEU A 137 -1.84 21.00 -17.16
C LEU A 137 -1.51 22.33 -17.79
N GLN A 138 -0.46 22.34 -18.60
CA GLN A 138 -0.03 23.56 -19.26
C GLN A 138 -1.07 24.14 -20.16
N ASP A 139 -2.05 23.35 -20.62
CA ASP A 139 -3.14 23.76 -21.47
C ASP A 139 -4.50 23.77 -20.77
N PHE A 140 -4.52 23.60 -19.46
CA PHE A 140 -5.81 23.44 -18.75
C PHE A 140 -6.13 24.68 -17.95
N THR A 141 -7.35 25.18 -18.09
CA THR A 141 -7.85 26.31 -17.29
C THR A 141 -9.08 25.84 -16.49
N PRO A 142 -8.85 25.52 -15.23
CA PRO A 142 -10.00 25.07 -14.43
C PRO A 142 -11.00 26.16 -14.26
N GLU A 143 -12.28 25.75 -14.14
CA GLU A 143 -13.37 26.70 -14.02
C GLU A 143 -13.22 27.61 -12.77
N PRO A 144 -13.46 28.88 -12.88
CA PRO A 144 -13.40 29.76 -11.70
C PRO A 144 -14.33 29.25 -10.62
N ASP A 145 -13.93 29.46 -9.33
CA ASP A 145 -14.83 29.27 -8.19
C ASP A 145 -15.48 27.89 -8.15
N SER A 146 -14.68 26.86 -8.41
CA SER A 146 -15.18 25.49 -8.55
C SER A 146 -14.69 24.47 -7.59
N TYR A 147 -13.50 24.60 -7.02
CA TYR A 147 -12.88 23.52 -6.26
C TYR A 147 -12.54 23.96 -4.84
N ASP A 148 -12.86 23.08 -3.91
CA ASP A 148 -12.40 23.21 -2.49
C ASP A 148 -10.98 22.81 -2.32
N VAL A 149 -10.56 21.78 -3.02
CA VAL A 149 -9.19 21.27 -2.95
C VAL A 149 -8.73 20.94 -4.34
N ILE A 150 -7.56 21.48 -4.71
CA ILE A 150 -6.85 21.11 -5.93
C ILE A 150 -5.63 20.36 -5.55
N TRP A 151 -5.53 19.09 -5.92
CA TRP A 151 -4.47 18.19 -5.47
C TRP A 151 -3.53 17.92 -6.61
N ILE A 152 -2.24 18.23 -6.46
CA ILE A 152 -1.24 18.19 -7.54
C ILE A 152 -0.09 17.33 -7.06
N GLN A 153 -0.12 16.04 -7.40
CA GLN A 153 0.86 15.09 -6.84
C GLN A 153 1.62 14.38 -7.91
N TRP A 154 2.95 14.44 -7.79
CA TRP A 154 3.86 13.72 -8.70
C TRP A 154 3.63 14.10 -10.16
N VAL A 155 3.40 15.37 -10.39
CA VAL A 155 3.28 15.92 -11.74
C VAL A 155 3.93 17.26 -11.95
N ILE A 156 4.23 18.09 -10.91
CA ILE A 156 4.78 19.42 -11.22
C ILE A 156 6.10 19.40 -11.91
N GLY A 157 6.86 18.34 -11.81
CA GLY A 157 8.14 18.26 -12.50
C GLY A 157 7.97 18.04 -13.98
N HIS A 158 6.77 17.83 -14.47
CA HIS A 158 6.52 17.78 -15.90
C HIS A 158 6.16 19.14 -16.52
N LEU A 159 6.16 20.22 -15.73
CA LEU A 159 5.93 21.57 -16.29
CA LEU A 159 5.93 21.55 -16.27
C LEU A 159 7.19 22.38 -16.16
N THR A 160 7.40 23.24 -17.14
CA THR A 160 8.44 24.24 -17.00
C THR A 160 8.10 25.24 -15.88
N ASP A 161 9.10 25.97 -15.40
CA ASP A 161 8.84 26.95 -14.34
C ASP A 161 7.76 27.95 -14.76
N GLN A 162 7.83 28.49 -15.93
CA GLN A 162 6.85 29.44 -16.41
C GLN A 162 5.47 28.80 -16.45
N HIS A 163 5.37 27.59 -16.97
CA HIS A 163 4.06 26.96 -17.08
C HIS A 163 3.55 26.55 -15.75
N LEU A 164 4.38 26.14 -14.81
CA LEU A 164 3.92 25.78 -13.47
C LEU A 164 3.41 27.03 -12.78
N ALA A 165 4.12 28.12 -12.86
CA ALA A 165 3.66 29.37 -12.24
C ALA A 165 2.29 29.76 -12.82
N GLU A 166 2.17 29.71 -14.13
CA GLU A 166 0.89 30.07 -14.76
C GLU A 166 -0.22 29.10 -14.34
N PHE A 167 0.05 27.80 -14.32
CA PHE A 167 -0.97 26.86 -13.90
C PHE A 167 -1.41 27.13 -12.47
N LEU A 168 -0.48 27.44 -11.58
CA LEU A 168 -0.88 27.73 -10.21
C LEU A 168 -1.72 28.99 -10.16
N ARG A 169 -1.44 30.01 -10.98
CA ARG A 169 -2.29 31.21 -11.01
C ARG A 169 -3.71 30.82 -11.44
N ARG A 170 -3.84 29.96 -12.44
CA ARG A 170 -5.17 29.55 -12.89
C ARG A 170 -5.85 28.73 -11.83
N CYS A 171 -5.12 27.88 -11.14
CA CYS A 171 -5.71 27.10 -10.02
C CYS A 171 -6.18 28.06 -8.96
N LYS A 172 -5.44 29.08 -8.60
CA LYS A 172 -5.89 30.05 -7.56
C LYS A 172 -7.24 30.61 -7.91
N GLY A 173 -7.47 30.93 -9.20
CA GLY A 173 -8.71 31.48 -9.64
C GLY A 173 -9.87 30.49 -9.61
N SER A 174 -9.56 29.22 -9.50
CA SER A 174 -10.59 28.19 -9.49
CA SER A 174 -10.54 28.15 -9.47
CA SER A 174 -10.49 28.10 -9.50
C SER A 174 -10.96 27.75 -8.10
N LEU A 175 -10.33 28.29 -7.06
CA LEU A 175 -10.70 27.90 -5.72
C LEU A 175 -11.95 28.57 -5.25
N ARG A 176 -12.77 27.74 -4.55
CA ARG A 176 -13.89 28.20 -3.77
CA ARG A 176 -13.88 28.25 -3.80
C ARG A 176 -13.39 29.01 -2.56
N PRO A 177 -14.29 29.73 -1.89
CA PRO A 177 -13.90 30.32 -0.59
C PRO A 177 -13.34 29.23 0.33
N ASN A 178 -12.23 29.57 0.96
CA ASN A 178 -11.50 28.70 1.90
C ASN A 178 -10.84 27.55 1.21
N GLY A 179 -10.79 27.55 -0.12
CA GLY A 179 -10.17 26.47 -0.85
C GLY A 179 -8.65 26.43 -0.71
N ILE A 180 -8.04 25.30 -0.97
CA ILE A 180 -6.60 25.17 -0.96
C ILE A 180 -6.10 24.39 -2.14
N ILE A 181 -4.83 24.65 -2.48
CA ILE A 181 -4.08 23.85 -3.43
C ILE A 181 -3.05 23.05 -2.64
N VAL A 182 -2.91 21.76 -2.97
CA VAL A 182 -1.89 20.94 -2.34
C VAL A 182 -0.94 20.44 -3.41
N ILE A 183 0.36 20.70 -3.23
CA ILE A 183 1.39 20.14 -4.07
C ILE A 183 2.11 19.08 -3.25
N LYS A 184 2.25 17.88 -3.81
CA LYS A 184 3.05 16.84 -3.13
C LYS A 184 3.99 16.28 -4.18
N ASP A 185 5.30 16.34 -3.91
CA ASP A 185 6.21 15.89 -4.97
C ASP A 185 7.59 15.66 -4.37
N ASN A 186 8.44 15.06 -5.22
CA ASN A 186 9.85 14.90 -4.94
C ASN A 186 10.53 16.23 -4.91
N MET A 187 11.51 16.35 -4.04
CA MET A 187 12.30 17.56 -3.92
C MET A 187 13.74 17.17 -4.02
N ALA A 188 14.52 17.96 -4.78
CA ALA A 188 15.95 17.80 -4.87
C ALA A 188 16.63 18.40 -3.67
N GLN A 189 17.78 17.86 -3.25
CA GLN A 189 18.52 18.51 -2.20
C GLN A 189 18.94 19.90 -2.59
N GLU A 190 19.36 20.10 -3.85
CA GLU A 190 19.80 21.40 -4.32
C GLU A 190 19.63 21.48 -5.82
N GLY A 191 19.12 22.62 -6.25
CA GLY A 191 19.03 22.97 -7.67
C GLY A 191 17.83 22.37 -8.35
N VAL A 192 18.01 22.18 -9.66
CA VAL A 192 16.96 21.72 -10.56
C VAL A 192 17.63 20.65 -11.38
N ILE A 193 17.10 19.43 -11.27
CA ILE A 193 17.74 18.25 -11.87
CA ILE A 193 17.70 18.21 -11.80
C ILE A 193 16.82 17.63 -12.92
N LEU A 194 17.37 17.49 -14.13
CA LEU A 194 16.64 16.87 -15.26
C LEU A 194 16.76 15.34 -15.22
N ASP A 195 15.61 14.66 -15.36
CA ASP A 195 15.55 13.22 -15.74
C ASP A 195 15.19 13.17 -17.22
N ASP A 196 16.18 12.82 -18.04
CA ASP A 196 15.97 12.85 -19.45
C ASP A 196 15.30 11.58 -19.96
N VAL A 197 15.04 10.63 -19.08
CA VAL A 197 14.40 9.38 -19.50
C VAL A 197 12.89 9.57 -19.48
N ASP A 198 12.34 10.09 -18.41
CA ASP A 198 10.91 10.37 -18.34
C ASP A 198 10.55 11.84 -18.70
N SER A 199 11.57 12.65 -18.91
CA SER A 199 11.39 14.04 -19.31
C SER A 199 10.65 14.85 -18.24
N SER A 200 11.31 14.99 -17.10
CA SER A 200 10.81 15.70 -15.95
C SER A 200 11.97 16.34 -15.20
N VAL A 201 11.64 17.25 -14.30
CA VAL A 201 12.60 17.80 -13.41
C VAL A 201 12.23 17.59 -11.94
N CYS A 202 13.24 17.65 -11.08
CA CYS A 202 13.15 17.60 -9.62
C CYS A 202 13.71 18.99 -9.20
N ARG A 203 13.03 19.74 -8.35
CA ARG A 203 13.46 21.08 -7.91
C ARG A 203 13.67 21.07 -6.41
N ASP A 204 14.59 21.86 -5.94
CA ASP A 204 14.78 21.98 -4.49
C ASP A 204 13.66 22.79 -3.85
N LEU A 205 13.62 22.77 -2.52
CA LEU A 205 12.54 23.45 -1.79
C LEU A 205 12.56 24.97 -2.06
N ASP A 206 13.72 25.59 -2.16
CA ASP A 206 13.76 27.02 -2.43
C ASP A 206 13.19 27.37 -3.79
N VAL A 207 13.46 26.56 -4.80
CA VAL A 207 12.93 26.80 -6.11
C VAL A 207 11.41 26.68 -6.11
N VAL A 208 10.88 25.62 -5.48
CA VAL A 208 9.45 25.42 -5.44
C VAL A 208 8.79 26.60 -4.69
N ARG A 209 9.34 26.98 -3.58
CA ARG A 209 8.78 28.10 -2.84
C ARG A 209 8.81 29.37 -3.68
N ARG A 210 9.87 29.59 -4.46
CA ARG A 210 9.95 30.78 -5.33
C ARG A 210 8.78 30.76 -6.32
N ILE A 211 8.54 29.62 -6.94
CA ILE A 211 7.49 29.51 -7.93
C ILE A 211 6.12 29.75 -7.29
N ILE A 212 5.87 29.17 -6.13
CA ILE A 212 4.61 29.36 -5.43
C ILE A 212 4.41 30.85 -5.14
N CYS A 213 5.45 31.53 -4.66
CA CYS A 213 5.35 32.97 -4.38
CA CYS A 213 5.27 32.94 -4.36
C CYS A 213 5.03 33.74 -5.65
N SER A 214 5.70 33.38 -6.77
CA SER A 214 5.47 34.09 -8.00
CA SER A 214 5.50 34.05 -8.03
C SER A 214 4.07 33.91 -8.54
N ALA A 215 3.40 32.81 -8.17
CA ALA A 215 2.00 32.61 -8.57
C ALA A 215 1.02 33.35 -7.68
N GLY A 216 1.49 34.12 -6.70
CA GLY A 216 0.61 34.85 -5.81
C GLY A 216 -0.03 34.00 -4.75
N LEU A 217 0.63 32.93 -4.37
CA LEU A 217 0.19 31.99 -3.34
C LEU A 217 1.07 32.07 -2.13
N SER A 218 0.54 31.61 -1.00
CA SER A 218 1.23 31.57 0.25
C SER A 218 1.10 30.19 0.86
N LEU A 219 2.09 29.83 1.65
CA LEU A 219 2.11 28.55 2.36
CA LEU A 219 2.08 28.55 2.34
C LEU A 219 1.28 28.58 3.62
N LEU A 220 0.36 27.63 3.71
CA LEU A 220 -0.32 27.34 4.95
C LEU A 220 0.43 26.31 5.79
N ALA A 221 1.06 25.36 5.07
CA ALA A 221 1.78 24.27 5.76
C ALA A 221 2.73 23.61 4.77
N GLU A 222 3.78 23.02 5.32
CA GLU A 222 4.81 22.27 4.55
C GLU A 222 5.16 21.09 5.42
N GLU A 223 5.22 19.89 4.83
CA GLU A 223 5.53 18.71 5.62
C GLU A 223 6.33 17.70 4.80
N ARG A 224 7.39 17.16 5.40
CA ARG A 224 8.15 16.06 4.76
C ARG A 224 7.41 14.73 4.96
N GLN A 225 7.33 13.95 3.92
CA GLN A 225 6.77 12.57 4.01
C GLN A 225 7.71 11.66 4.69
N GLU A 226 7.21 10.99 5.73
CA GLU A 226 7.99 10.01 6.52
C GLU A 226 7.82 8.60 5.97
N ASN A 227 8.70 7.73 6.44
CA ASN A 227 8.60 6.29 6.17
C ASN A 227 8.72 5.87 4.74
N LEU A 228 9.54 6.62 3.99
CA LEU A 228 9.88 6.23 2.62
C LEU A 228 11.19 5.48 2.55
N PRO A 229 11.37 4.68 1.48
CA PRO A 229 12.66 4.01 1.25
C PRO A 229 13.82 5.05 1.22
N ASP A 230 14.98 4.66 1.68
CA ASP A 230 16.10 5.58 1.86
CA ASP A 230 16.10 5.57 1.87
C ASP A 230 16.66 6.04 0.54
N GLU A 231 16.44 5.27 -0.53
CA GLU A 231 17.12 5.55 -1.81
C GLU A 231 16.45 6.58 -2.68
N ILE A 232 15.22 7.02 -2.37
CA ILE A 232 14.49 7.90 -3.25
C ILE A 232 14.55 9.33 -2.79
N TYR A 233 14.24 10.22 -3.74
CA TYR A 233 14.15 11.63 -3.43
C TYR A 233 13.20 11.84 -2.28
N HIS A 234 13.53 12.81 -1.43
CA HIS A 234 12.58 13.18 -0.33
C HIS A 234 11.34 13.74 -0.99
N VAL A 235 10.21 13.58 -0.30
CA VAL A 235 8.91 14.03 -0.75
C VAL A 235 8.35 15.00 0.27
N TYR A 236 7.80 16.10 -0.25
CA TYR A 236 7.15 17.12 0.58
C TYR A 236 5.75 17.43 0.09
N SER A 237 4.92 17.85 1.05
CA SER A 237 3.60 18.39 0.78
C SER A 237 3.56 19.85 1.19
N PHE A 238 2.88 20.63 0.35
CA PHE A 238 2.61 22.06 0.60
C PHE A 238 1.15 22.29 0.47
N ALA A 239 0.58 23.02 1.41
CA ALA A 239 -0.82 23.48 1.32
C ALA A 239 -0.74 24.99 1.10
N LEU A 240 -1.50 25.44 0.10
CA LEU A 240 -1.39 26.82 -0.40
C LEU A 240 -2.72 27.48 -0.53
N ARG A 241 -2.74 28.80 -0.41
CA ARG A 241 -3.88 29.63 -0.82
C ARG A 241 -3.45 31.00 -1.21
N ARG B 17 9.66 -4.04 25.62
CA ARG B 17 8.30 -4.52 26.08
C ARG B 17 8.05 -5.98 25.74
N GLY B 18 7.42 -6.70 26.66
CA GLY B 18 7.28 -8.17 26.58
C GLY B 18 6.00 -8.78 26.02
N SER B 19 5.03 -7.94 25.66
CA SER B 19 3.69 -8.41 25.25
C SER B 19 2.98 -7.33 24.46
N THR B 20 1.94 -7.68 23.71
CA THR B 20 1.20 -6.66 22.95
C THR B 20 0.47 -5.68 23.87
N SER B 21 0.06 -6.13 25.05
CA SER B 21 -0.69 -5.26 25.94
CA SER B 21 -0.68 -5.27 25.95
C SER B 21 0.20 -4.12 26.44
N GLU B 22 1.52 -4.33 26.43
CA GLU B 22 2.46 -3.26 26.84
C GLU B 22 2.74 -2.26 25.71
N VAL B 23 2.58 -2.64 24.44
CA VAL B 23 2.88 -1.71 23.33
C VAL B 23 1.68 -1.16 22.58
N ILE B 24 0.50 -1.77 22.76
CA ILE B 24 -0.70 -1.32 22.08
C ILE B 24 -1.46 -0.41 23.05
N GLU B 25 -1.54 0.86 22.71
CA GLU B 25 -2.24 1.86 23.53
C GLU B 25 -3.78 1.74 23.45
N ASP B 26 -4.31 1.42 22.25
CA ASP B 26 -5.75 1.40 21.99
C ASP B 26 -6.01 0.24 21.04
N GLU B 27 -6.64 -0.82 21.55
CA GLU B 27 -6.82 -1.99 20.73
C GLU B 27 -7.76 -1.78 19.51
N LYS B 28 -8.83 -1.02 19.71
CA LYS B 28 -9.76 -0.72 18.64
C LYS B 28 -9.00 -0.01 17.47
N GLN B 29 -8.09 0.88 17.81
CA GLN B 29 -7.30 1.59 16.80
CA GLN B 29 -7.30 1.61 16.80
C GLN B 29 -6.29 0.68 16.15
N PHE B 30 -5.69 -0.21 16.92
CA PHE B 30 -4.73 -1.17 16.37
C PHE B 30 -5.40 -1.95 15.24
N TYR B 31 -6.60 -2.42 15.44
CA TYR B 31 -7.32 -3.13 14.40
C TYR B 31 -7.83 -2.21 13.29
N SER B 32 -8.40 -1.06 13.62
CA SER B 32 -8.99 -0.21 12.58
C SER B 32 -7.92 0.39 11.66
N LYS B 33 -6.79 0.75 12.22
CA LYS B 33 -5.70 1.31 11.41
C LYS B 33 -5.16 0.22 10.49
N ALA B 34 -5.05 -1.00 10.97
CA ALA B 34 -4.48 -2.05 10.10
C ALA B 34 -5.42 -2.34 8.94
N LYS B 35 -6.72 -2.32 9.20
CA LYS B 35 -7.71 -2.58 8.15
C LYS B 35 -7.63 -1.47 7.05
N THR B 36 -7.52 -0.24 7.48
CA THR B 36 -7.33 0.87 6.55
C THR B 36 -6.03 0.74 5.79
N TYR B 37 -4.98 0.35 6.48
CA TYR B 37 -3.66 0.23 5.82
C TYR B 37 -3.76 -0.70 4.62
N TRP B 38 -4.32 -1.88 4.85
CA TRP B 38 -4.38 -2.89 3.80
C TRP B 38 -5.38 -2.59 2.71
N LYS B 39 -6.46 -1.86 3.07
CA LYS B 39 -7.40 -1.44 2.05
C LYS B 39 -6.73 -0.65 0.95
N GLN B 40 -5.66 0.06 1.31
CA GLN B 40 -4.96 0.97 0.39
C GLN B 40 -3.76 0.34 -0.29
N ILE B 41 -3.48 -0.95 -0.06
CA ILE B 41 -2.33 -1.60 -0.68
C ILE B 41 -2.76 -2.18 -2.03
N PRO B 42 -1.96 -2.02 -3.08
CA PRO B 42 -2.37 -2.64 -4.33
CA PRO B 42 -2.27 -2.68 -4.37
C PRO B 42 -2.39 -4.17 -4.27
N PRO B 43 -3.36 -4.77 -4.95
CA PRO B 43 -3.60 -6.23 -4.83
C PRO B 43 -2.66 -7.02 -5.73
N THR B 44 -1.37 -6.96 -5.38
CA THR B 44 -0.30 -7.54 -6.17
C THR B 44 0.64 -8.25 -5.23
N VAL B 45 1.46 -9.14 -5.76
CA VAL B 45 2.45 -9.86 -4.95
C VAL B 45 3.39 -8.84 -4.26
N ASP B 46 3.79 -7.80 -4.97
CA ASP B 46 4.69 -6.82 -4.36
C ASP B 46 3.99 -6.08 -3.24
N GLY B 47 2.69 -5.83 -3.38
CA GLY B 47 1.95 -5.21 -2.28
C GLY B 47 1.83 -6.17 -1.10
N MET B 48 1.55 -7.45 -1.35
CA MET B 48 1.51 -8.42 -0.25
C MET B 48 2.82 -8.45 0.51
N LEU B 49 3.93 -8.26 -0.19
CA LEU B 49 5.27 -8.44 0.40
C LEU B 49 6.01 -7.18 0.67
N GLY B 50 5.31 -6.03 0.66
CA GLY B 50 5.92 -4.81 1.10
C GLY B 50 7.11 -4.38 0.30
N GLY B 51 7.11 -4.63 -1.00
CA GLY B 51 8.20 -4.29 -1.86
C GLY B 51 9.23 -5.38 -2.03
N TYR B 52 9.03 -6.50 -1.35
CA TYR B 52 9.90 -7.68 -1.47
C TYR B 52 9.25 -8.75 -2.32
N GLY B 53 8.47 -8.39 -3.33
CA GLY B 53 7.89 -9.40 -4.21
C GLY B 53 8.92 -10.33 -4.81
N HIS B 54 10.11 -9.80 -5.06
CA HIS B 54 11.25 -10.55 -5.65
C HIS B 54 11.75 -11.72 -4.82
N ILE B 55 11.39 -11.80 -3.54
CA ILE B 55 11.77 -12.96 -2.71
C ILE B 55 10.66 -13.95 -2.58
N SER B 56 9.56 -13.81 -3.28
CA SER B 56 8.45 -14.73 -3.17
C SER B 56 8.85 -16.17 -3.43
N SER B 57 9.60 -16.44 -4.49
CA SER B 57 10.01 -17.83 -4.82
CA SER B 57 9.95 -17.83 -4.81
C SER B 57 10.89 -18.44 -3.74
N ILE B 58 11.80 -17.66 -3.15
CA ILE B 58 12.67 -18.16 -2.07
C ILE B 58 11.78 -18.60 -0.89
N ASP B 59 10.82 -17.75 -0.56
CA ASP B 59 9.88 -18.06 0.51
C ASP B 59 9.07 -19.30 0.20
N ILE B 60 8.45 -19.35 -0.97
CA ILE B 60 7.52 -20.44 -1.28
C ILE B 60 8.29 -21.75 -1.38
N ASN B 61 9.45 -21.72 -2.03
CA ASN B 61 10.20 -22.99 -2.19
C ASN B 61 10.63 -23.57 -0.86
N SER B 62 10.95 -22.69 0.10
CA SER B 62 11.31 -23.16 1.44
CA SER B 62 11.31 -23.13 1.43
C SER B 62 10.08 -23.66 2.19
N SER B 63 8.98 -22.93 2.09
CA SER B 63 7.75 -23.38 2.71
C SER B 63 7.36 -24.75 2.21
N ARG B 64 7.46 -24.98 0.91
CA ARG B 64 7.07 -26.28 0.33
C ARG B 64 7.93 -27.38 0.91
N LYS B 65 9.21 -27.17 1.06
CA LYS B 65 10.07 -28.22 1.63
C LYS B 65 9.68 -28.49 3.07
N PHE B 66 9.40 -27.42 3.82
CA PHE B 66 9.00 -27.57 5.23
C PHE B 66 7.72 -28.37 5.35
N LEU B 67 6.76 -28.07 4.49
CA LEU B 67 5.48 -28.73 4.52
C LEU B 67 5.49 -30.17 4.01
N GLN B 68 6.23 -30.40 2.95
CA GLN B 68 6.23 -31.75 2.35
C GLN B 68 6.65 -32.82 3.28
N ARG B 69 7.51 -32.53 4.25
CA ARG B 69 7.87 -33.46 5.30
CA ARG B 69 7.90 -33.54 5.21
C ARG B 69 6.66 -34.07 5.98
N PHE B 70 5.72 -33.23 6.33
CA PHE B 70 4.53 -33.66 7.02
C PHE B 70 3.53 -34.40 6.13
N LEU B 71 3.50 -34.02 4.85
CA LEU B 71 2.56 -34.61 3.91
C LEU B 71 3.00 -35.97 3.41
N ARG B 72 4.29 -36.30 3.53
CA ARG B 72 4.80 -37.57 2.94
C ARG B 72 5.35 -38.60 3.91
N GLU B 73 5.58 -38.16 5.15
CA GLU B 73 6.19 -39.03 6.14
C GLU B 73 5.22 -39.50 7.23
N GLY B 74 5.12 -40.76 7.45
CA GLY B 74 4.32 -41.32 8.50
C GLY B 74 5.26 -41.68 9.62
N PRO B 75 4.74 -42.34 10.64
N PRO B 75 4.77 -42.43 10.59
CA PRO B 75 3.33 -42.62 10.89
CA PRO B 75 3.49 -43.14 10.59
C PRO B 75 2.56 -41.31 11.09
C PRO B 75 2.25 -42.27 10.74
N ASN B 76 1.25 -41.35 10.96
N ASN B 76 2.40 -41.03 11.16
CA ASN B 76 0.46 -40.18 11.27
CA ASN B 76 1.21 -40.22 11.35
C ASN B 76 0.72 -39.03 10.26
C ASN B 76 1.20 -39.10 10.29
N LYS B 77 0.91 -39.43 9.02
CA LYS B 77 1.08 -38.46 7.91
C LYS B 77 -0.09 -37.53 7.78
N THR B 78 0.21 -36.28 7.51
CA THR B 78 -0.83 -35.28 7.29
C THR B 78 -1.47 -35.47 5.94
N GLY B 79 -2.80 -35.28 5.90
CA GLY B 79 -3.54 -35.45 4.65
C GLY B 79 -3.43 -34.28 3.70
N THR B 80 -4.09 -34.44 2.55
CA THR B 80 -4.01 -33.50 1.43
C THR B 80 -5.39 -33.18 0.86
N SER B 81 -6.44 -33.26 1.68
CA SER B 81 -7.80 -33.00 1.21
CA SER B 81 -7.79 -33.01 1.19
C SER B 81 -8.13 -31.52 1.21
N CYS B 82 -7.71 -30.80 2.23
CA CYS B 82 -8.16 -29.41 2.35
C CYS B 82 -7.19 -28.60 3.21
N ALA B 83 -6.89 -27.40 2.75
CA ALA B 83 -6.08 -26.46 3.52
C ALA B 83 -6.82 -25.11 3.70
N LEU B 84 -6.48 -24.42 4.75
CA LEU B 84 -6.95 -23.04 4.98
C LEU B 84 -5.81 -22.09 4.95
N ASP B 85 -5.90 -21.05 4.12
CA ASP B 85 -4.87 -20.01 4.01
C ASP B 85 -5.38 -18.79 4.74
N CYS B 86 -4.71 -18.49 5.84
CA CYS B 86 -5.16 -17.39 6.74
C CYS B 86 -4.40 -16.09 6.48
N GLY B 87 -5.13 -14.97 6.41
CA GLY B 87 -4.50 -13.74 5.92
C GLY B 87 -4.00 -13.97 4.53
N ALA B 88 -4.79 -14.62 3.70
CA ALA B 88 -4.33 -15.11 2.40
C ALA B 88 -4.02 -14.02 1.40
N GLY B 89 -4.58 -12.84 1.60
CA GLY B 89 -4.41 -11.78 0.62
C GLY B 89 -4.96 -12.20 -0.74
N ILE B 90 -4.20 -11.91 -1.80
CA ILE B 90 -4.62 -12.24 -3.16
C ILE B 90 -4.40 -13.69 -3.51
N GLY B 91 -3.80 -14.44 -2.58
CA GLY B 91 -3.54 -15.86 -2.84
C GLY B 91 -2.16 -16.19 -3.36
N ARG B 92 -1.13 -15.43 -3.01
CA ARG B 92 0.23 -15.77 -3.40
C ARG B 92 0.57 -17.17 -2.95
N ILE B 93 0.25 -17.52 -1.71
CA ILE B 93 0.60 -18.84 -1.17
C ILE B 93 -0.40 -19.87 -1.69
N THR B 94 -1.66 -19.50 -1.73
CA THR B 94 -2.67 -20.41 -2.25
C THR B 94 -2.31 -20.86 -3.65
N LYS B 95 -1.84 -19.95 -4.50
CA LYS B 95 -1.50 -20.29 -5.89
C LYS B 95 -0.32 -21.23 -5.96
N ARG B 96 0.77 -20.87 -5.30
CA ARG B 96 2.00 -21.58 -5.58
C ARG B 96 2.35 -22.70 -4.62
N LEU B 97 1.81 -22.65 -3.42
CA LEU B 97 2.07 -23.66 -2.41
C LEU B 97 0.88 -24.61 -2.24
N LEU B 98 -0.29 -24.06 -1.98
CA LEU B 98 -1.39 -24.90 -1.44
C LEU B 98 -2.22 -25.54 -2.54
N LEU B 99 -2.68 -24.79 -3.53
CA LEU B 99 -3.53 -25.44 -4.57
C LEU B 99 -2.84 -26.64 -5.22
N PRO B 100 -1.50 -26.61 -5.45
CA PRO B 100 -0.90 -27.81 -6.07
C PRO B 100 -0.88 -29.03 -5.18
N LEU B 101 -0.99 -28.82 -3.88
CA LEU B 101 -0.84 -29.92 -2.91
C LEU B 101 -2.14 -30.41 -2.28
N PHE B 102 -3.20 -29.61 -2.28
CA PHE B 102 -4.44 -29.93 -1.56
C PHE B 102 -5.59 -29.95 -2.59
N ARG B 103 -6.52 -30.86 -2.43
CA ARG B 103 -7.64 -30.96 -3.36
C ARG B 103 -8.49 -29.68 -3.36
N GLU B 104 -8.70 -29.12 -2.17
CA GLU B 104 -9.45 -27.88 -2.02
C GLU B 104 -8.76 -26.97 -1.06
N VAL B 105 -8.94 -25.66 -1.24
CA VAL B 105 -8.39 -24.69 -0.34
C VAL B 105 -9.47 -23.67 0.01
N ASP B 106 -9.49 -23.24 1.28
CA ASP B 106 -10.27 -22.08 1.72
C ASP B 106 -9.33 -20.94 2.03
N MET B 107 -9.81 -19.73 1.77
CA MET B 107 -9.04 -18.55 2.02
C MET B 107 -9.79 -17.64 2.99
N VAL B 108 -9.09 -17.08 3.96
CA VAL B 108 -9.68 -16.08 4.88
C VAL B 108 -8.79 -14.84 4.90
N ASP B 109 -9.40 -13.67 4.71
CA ASP B 109 -8.66 -12.43 4.78
C ASP B 109 -9.61 -11.32 5.17
N ILE B 110 -9.07 -10.27 5.84
CA ILE B 110 -9.92 -9.13 6.23
C ILE B 110 -10.25 -8.21 5.05
N THR B 111 -9.47 -8.22 3.98
CA THR B 111 -9.57 -7.22 2.91
C THR B 111 -10.35 -7.77 1.72
N GLU B 112 -11.58 -7.34 1.58
CA GLU B 112 -12.43 -7.90 0.54
C GLU B 112 -11.83 -7.79 -0.83
N ASP B 113 -11.21 -6.65 -1.15
CA ASP B 113 -10.70 -6.48 -2.50
C ASP B 113 -9.59 -7.47 -2.83
N PHE B 114 -8.89 -7.98 -1.84
CA PHE B 114 -7.85 -8.99 -2.13
C PHE B 114 -8.46 -10.32 -2.51
N LEU B 115 -9.58 -10.63 -1.85
CA LEU B 115 -10.29 -11.89 -2.21
C LEU B 115 -10.94 -11.78 -3.56
N VAL B 116 -11.41 -10.59 -3.93
CA VAL B 116 -11.91 -10.35 -5.27
C VAL B 116 -10.81 -10.54 -6.29
N GLN B 117 -9.66 -9.92 -6.04
CA GLN B 117 -8.52 -10.10 -6.95
C GLN B 117 -8.06 -11.55 -7.09
N ALA B 118 -8.18 -12.30 -6.01
CA ALA B 118 -7.73 -13.68 -5.97
C ALA B 118 -8.45 -14.47 -7.06
N LYS B 119 -9.70 -14.19 -7.30
CA LYS B 119 -10.42 -14.97 -8.30
CA LYS B 119 -10.46 -14.91 -8.34
C LYS B 119 -9.75 -14.82 -9.69
N THR B 120 -9.17 -13.65 -10.00
CA THR B 120 -8.41 -13.42 -11.22
C THR B 120 -6.99 -13.97 -11.06
N TYR B 121 -6.32 -13.63 -9.99
CA TYR B 121 -4.93 -14.03 -9.80
C TYR B 121 -4.76 -15.54 -9.84
N LEU B 122 -5.68 -16.27 -9.22
CA LEU B 122 -5.55 -17.72 -9.16
C LEU B 122 -5.91 -18.46 -10.41
N GLY B 123 -6.62 -17.80 -11.33
CA GLY B 123 -6.89 -18.47 -12.60
C GLY B 123 -7.68 -19.74 -12.51
N GLU B 124 -7.41 -20.62 -13.44
CA GLU B 124 -8.19 -21.84 -13.52
CA GLU B 124 -8.14 -21.88 -13.58
C GLU B 124 -8.06 -22.71 -12.31
N GLU B 125 -6.87 -22.83 -11.74
CA GLU B 125 -6.72 -23.61 -10.52
C GLU B 125 -7.51 -23.10 -9.37
N GLY B 126 -7.75 -21.80 -9.37
CA GLY B 126 -8.60 -21.16 -8.35
C GLY B 126 -10.01 -21.65 -8.25
N LYS B 127 -10.51 -22.35 -9.27
CA LYS B 127 -11.84 -22.96 -9.19
C LYS B 127 -11.91 -23.96 -8.03
N ARG B 128 -10.77 -24.46 -7.55
CA ARG B 128 -10.76 -25.36 -6.42
C ARG B 128 -10.70 -24.65 -5.08
N VAL B 129 -10.68 -23.32 -5.08
CA VAL B 129 -10.93 -22.60 -3.83
C VAL B 129 -12.40 -22.78 -3.50
N ARG B 130 -12.67 -23.35 -2.32
CA ARG B 130 -14.02 -23.73 -1.94
C ARG B 130 -14.75 -22.56 -1.30
N ASN B 131 -14.14 -21.93 -0.30
CA ASN B 131 -14.70 -20.77 0.40
C ASN B 131 -13.72 -19.62 0.41
N TYR B 132 -14.19 -18.42 0.09
CA TYR B 132 -13.51 -17.17 0.33
C TYR B 132 -14.18 -16.50 1.52
N PHE B 133 -13.51 -16.41 2.64
CA PHE B 133 -14.09 -15.82 3.84
C PHE B 133 -13.51 -14.42 4.07
N CYS B 134 -14.36 -13.41 4.08
CA CYS B 134 -13.88 -12.07 4.36
C CYS B 134 -14.18 -11.79 5.81
N CYS B 135 -13.14 -11.82 6.65
CA CYS B 135 -13.25 -11.81 8.11
C CYS B 135 -11.88 -11.52 8.69
N GLY B 136 -11.84 -10.79 9.80
CA GLY B 136 -10.61 -10.69 10.58
C GLY B 136 -10.42 -12.03 11.28
N LEU B 137 -9.19 -12.48 11.44
CA LEU B 137 -8.98 -13.74 12.15
C LEU B 137 -9.52 -13.65 13.58
N GLN B 138 -9.42 -12.48 14.21
CA GLN B 138 -9.91 -12.33 15.56
C GLN B 138 -11.40 -12.61 15.68
N ASP B 139 -12.14 -12.56 14.58
CA ASP B 139 -13.58 -12.86 14.58
C ASP B 139 -13.93 -14.14 13.83
N PHE B 140 -12.94 -14.94 13.45
CA PHE B 140 -13.16 -16.06 12.54
C PHE B 140 -13.08 -17.37 13.30
N THR B 141 -14.04 -18.25 13.02
CA THR B 141 -14.08 -19.59 13.58
C THR B 141 -14.00 -20.61 12.45
N PRO B 142 -12.85 -21.24 12.26
CA PRO B 142 -12.79 -22.28 11.22
C PRO B 142 -13.64 -23.48 11.62
N GLU B 143 -14.30 -24.14 10.67
CA GLU B 143 -15.26 -25.18 11.01
C GLU B 143 -14.57 -26.41 11.59
N PRO B 144 -15.17 -27.08 12.58
CA PRO B 144 -14.55 -28.31 13.08
C PRO B 144 -14.23 -29.35 12.01
N ASP B 145 -13.13 -30.06 12.24
CA ASP B 145 -12.78 -31.25 11.47
C ASP B 145 -12.75 -30.98 9.99
N SER B 146 -12.12 -29.87 9.60
CA SER B 146 -12.18 -29.40 8.23
C SER B 146 -10.84 -29.37 7.47
N TYR B 147 -9.74 -29.13 8.16
CA TYR B 147 -8.47 -28.81 7.43
C TYR B 147 -7.34 -29.74 7.83
N ASP B 148 -6.63 -30.22 6.84
CA ASP B 148 -5.38 -30.92 7.06
C ASP B 148 -4.26 -29.99 7.39
N VAL B 149 -4.24 -28.80 6.78
CA VAL B 149 -3.23 -27.79 7.04
C VAL B 149 -3.90 -26.46 7.18
N ILE B 150 -3.51 -25.71 8.20
CA ILE B 150 -3.92 -24.31 8.36
C ILE B 150 -2.63 -23.49 8.30
N TRP B 151 -2.53 -22.65 7.26
CA TRP B 151 -1.33 -21.90 6.95
C TRP B 151 -1.53 -20.44 7.34
N ILE B 152 -0.67 -19.94 8.21
CA ILE B 152 -0.86 -18.59 8.81
C ILE B 152 0.43 -17.80 8.62
N GLN B 153 0.54 -17.09 7.52
CA GLN B 153 1.80 -16.44 7.16
C GLN B 153 1.69 -14.93 7.02
N TRP B 154 2.61 -14.24 7.69
CA TRP B 154 2.70 -12.76 7.61
C TRP B 154 1.35 -12.12 7.98
N VAL B 155 0.69 -12.66 9.00
CA VAL B 155 -0.52 -12.06 9.55
C VAL B 155 -0.60 -12.07 11.09
N ILE B 156 0.11 -12.97 11.78
CA ILE B 156 -0.07 -13.04 13.22
C ILE B 156 0.27 -11.76 13.96
N GLY B 157 1.08 -10.91 13.38
CA GLY B 157 1.43 -9.66 13.98
C GLY B 157 0.33 -8.64 13.92
N HIS B 158 -0.76 -8.98 13.24
CA HIS B 158 -1.96 -8.16 13.26
C HIS B 158 -2.96 -8.51 14.32
N LEU B 159 -2.64 -9.52 15.15
CA LEU B 159 -3.50 -9.91 16.28
CA LEU B 159 -3.49 -9.95 16.26
C LEU B 159 -2.85 -9.61 17.58
N THR B 160 -3.66 -9.25 18.56
CA THR B 160 -3.17 -9.16 19.94
C THR B 160 -2.77 -10.55 20.41
N ASP B 161 -1.93 -10.57 21.44
CA ASP B 161 -1.53 -11.86 22.02
C ASP B 161 -2.74 -12.70 22.41
N GLN B 162 -3.71 -12.10 23.07
CA GLN B 162 -4.90 -12.84 23.50
C GLN B 162 -5.69 -13.35 22.30
N HIS B 163 -5.84 -12.51 21.29
CA HIS B 163 -6.62 -12.91 20.11
C HIS B 163 -5.91 -13.98 19.36
N LEU B 164 -4.59 -13.90 19.31
CA LEU B 164 -3.80 -14.93 18.65
C LEU B 164 -3.92 -16.28 19.36
N ALA B 165 -3.80 -16.25 20.68
CA ALA B 165 -3.91 -17.53 21.42
C ALA B 165 -5.30 -18.10 21.18
N GLU B 166 -6.33 -17.25 21.29
CA GLU B 166 -7.72 -17.69 21.09
C GLU B 166 -7.96 -18.24 19.67
N PHE B 167 -7.40 -17.56 18.67
CA PHE B 167 -7.57 -17.99 17.30
C PHE B 167 -6.88 -19.35 17.12
N LEU B 168 -5.69 -19.48 17.66
CA LEU B 168 -4.98 -20.78 17.50
C LEU B 168 -5.75 -21.91 18.17
N ARG B 169 -6.39 -21.68 19.31
CA ARG B 169 -7.24 -22.72 19.93
CA ARG B 169 -7.22 -22.73 19.92
C ARG B 169 -8.40 -23.08 19.00
N ARG B 170 -9.04 -22.10 18.37
CA ARG B 170 -10.13 -22.40 17.43
C ARG B 170 -9.59 -23.18 16.22
N CYS B 171 -8.41 -22.84 15.76
CA CYS B 171 -7.74 -23.60 14.68
C CYS B 171 -7.50 -25.04 15.05
N LYS B 172 -7.05 -25.29 16.27
CA LYS B 172 -6.81 -26.66 16.71
C LYS B 172 -8.08 -27.52 16.54
N GLY B 173 -9.24 -26.94 16.90
CA GLY B 173 -10.48 -27.69 16.77
C GLY B 173 -10.94 -27.95 15.36
N SER B 174 -10.34 -27.25 14.42
CA SER B 174 -10.72 -27.40 13.01
CA SER B 174 -10.63 -27.28 12.99
C SER B 174 -9.81 -28.34 12.23
N LEU B 175 -8.78 -28.87 12.87
CA LEU B 175 -7.90 -29.82 12.22
C LEU B 175 -8.51 -31.18 12.06
N ARG B 176 -8.34 -31.76 10.88
CA ARG B 176 -8.54 -33.19 10.65
C ARG B 176 -7.47 -34.00 11.40
N PRO B 177 -7.69 -35.33 11.52
CA PRO B 177 -6.66 -36.14 12.14
C PRO B 177 -5.31 -35.96 11.44
N ASN B 178 -4.27 -35.86 12.25
CA ASN B 178 -2.90 -35.61 11.82
C ASN B 178 -2.69 -34.26 11.21
N GLY B 179 -3.69 -33.38 11.22
CA GLY B 179 -3.52 -32.06 10.66
C GLY B 179 -2.55 -31.22 11.44
N ILE B 180 -2.04 -30.18 10.80
CA ILE B 180 -1.12 -29.22 11.43
C ILE B 180 -1.50 -27.80 11.14
N ILE B 181 -1.06 -26.93 12.02
CA ILE B 181 -1.05 -25.47 11.79
C ILE B 181 0.37 -25.07 11.56
N VAL B 182 0.59 -24.22 10.56
CA VAL B 182 1.91 -23.63 10.32
C VAL B 182 1.78 -22.13 10.50
N ILE B 183 2.65 -21.59 11.33
CA ILE B 183 2.84 -20.13 11.44
C ILE B 183 4.15 -19.83 10.77
N LYS B 184 4.17 -18.82 9.92
CA LYS B 184 5.43 -18.33 9.31
C LYS B 184 5.38 -16.82 9.41
N ASP B 185 6.37 -16.23 10.08
CA ASP B 185 6.34 -14.77 10.24
C ASP B 185 7.72 -14.26 10.63
N ASN B 186 7.76 -12.93 10.65
CA ASN B 186 8.91 -12.16 11.16
C ASN B 186 9.05 -12.34 12.64
N MET B 187 10.29 -12.41 13.14
CA MET B 187 10.53 -12.52 14.57
C MET B 187 11.44 -11.39 15.01
N ALA B 188 11.13 -10.83 16.16
CA ALA B 188 11.95 -9.80 16.74
C ALA B 188 13.10 -10.43 17.47
N GLN B 189 14.23 -9.71 17.58
CA GLN B 189 15.39 -10.19 18.36
C GLN B 189 14.98 -10.35 19.83
N GLU B 190 14.23 -9.39 20.35
CA GLU B 190 13.84 -9.41 21.77
C GLU B 190 12.54 -8.63 21.96
N GLY B 191 11.61 -9.23 22.69
CA GLY B 191 10.39 -8.54 23.11
C GLY B 191 9.33 -8.49 22.01
N VAL B 192 8.47 -7.48 22.12
CA VAL B 192 7.42 -7.24 21.15
C VAL B 192 7.61 -5.80 20.65
N ILE B 193 7.62 -5.65 19.32
CA ILE B 193 7.92 -4.37 18.69
C ILE B 193 6.72 -3.95 17.83
N LEU B 194 6.18 -2.78 18.11
CA LEU B 194 5.04 -2.22 17.36
C LEU B 194 5.57 -1.43 16.17
N ASP B 195 4.99 -1.72 15.02
CA ASP B 195 5.16 -0.88 13.81
C ASP B 195 3.89 -0.04 13.69
N ASP B 196 4.00 1.24 14.02
CA ASP B 196 2.87 2.16 14.02
CA ASP B 196 2.78 2.04 14.02
C ASP B 196 2.47 2.61 12.62
N VAL B 197 3.25 2.25 11.62
CA VAL B 197 2.99 2.67 10.20
C VAL B 197 1.93 1.76 9.62
N ASP B 198 2.03 0.46 9.85
CA ASP B 198 1.01 -0.47 9.36
C ASP B 198 0.16 -1.14 10.45
N SER B 199 0.41 -0.75 11.70
CA SER B 199 -0.38 -1.23 12.82
C SER B 199 -0.24 -2.75 13.02
N SER B 200 0.98 -3.19 13.24
CA SER B 200 1.31 -4.61 13.43
C SER B 200 2.41 -4.69 14.46
N VAL B 201 2.60 -5.88 15.02
CA VAL B 201 3.74 -6.18 15.85
C VAL B 201 4.59 -7.29 15.30
N CYS B 202 5.86 -7.38 15.73
N CYS B 202 5.77 -7.38 15.93
CA CYS B 202 6.53 -8.69 15.68
CA CYS B 202 6.76 -8.40 15.71
C CYS B 202 7.06 -8.98 17.08
C CYS B 202 7.23 -8.93 17.09
N ARG B 203 7.25 -10.26 17.29
CA ARG B 203 7.47 -10.84 18.61
C ARG B 203 8.72 -11.71 18.57
N ASP B 204 9.43 -11.78 19.69
CA ASP B 204 10.55 -12.72 19.75
C ASP B 204 10.12 -14.19 19.87
N LEU B 205 11.07 -15.08 19.66
CA LEU B 205 10.80 -16.54 19.65
C LEU B 205 10.16 -16.98 20.96
N ASP B 206 10.64 -16.47 22.09
CA ASP B 206 10.09 -16.87 23.37
C ASP B 206 8.62 -16.51 23.49
N VAL B 207 8.25 -15.30 23.05
CA VAL B 207 6.85 -14.84 23.14
C VAL B 207 5.95 -15.72 22.27
N VAL B 208 6.39 -16.00 21.06
CA VAL B 208 5.60 -16.83 20.17
C VAL B 208 5.42 -18.24 20.75
N ARG B 209 6.49 -18.82 21.25
CA ARG B 209 6.39 -20.17 21.83
C ARG B 209 5.44 -20.19 23.02
N ARG B 210 5.48 -19.16 23.85
CA ARG B 210 4.57 -19.03 24.98
CA ARG B 210 4.57 -19.08 24.98
C ARG B 210 3.12 -18.98 24.53
N ILE B 211 2.85 -18.22 23.47
CA ILE B 211 1.48 -18.10 22.97
C ILE B 211 1.00 -19.43 22.42
N ILE B 212 1.89 -20.12 21.68
CA ILE B 212 1.57 -21.44 21.15
C ILE B 212 1.17 -22.42 22.29
N CYS B 213 1.99 -22.44 23.33
CA CYS B 213 1.75 -23.27 24.50
CA CYS B 213 1.75 -23.27 24.53
C CYS B 213 0.42 -22.88 25.13
N SER B 214 0.16 -21.59 25.27
CA SER B 214 -1.09 -21.17 25.88
C SER B 214 -2.35 -21.61 25.10
N ALA B 215 -2.20 -21.79 23.79
CA ALA B 215 -3.27 -22.26 22.95
C ALA B 215 -3.49 -23.79 23.03
N GLY B 216 -2.68 -24.49 23.79
CA GLY B 216 -2.79 -25.96 23.87
C GLY B 216 -2.17 -26.71 22.71
N LEU B 217 -1.26 -26.07 22.01
CA LEU B 217 -0.59 -26.68 20.90
C LEU B 217 0.81 -27.10 21.25
N SER B 218 1.25 -28.14 20.52
CA SER B 218 2.60 -28.67 20.63
CA SER B 218 2.60 -28.66 20.65
C SER B 218 3.42 -28.27 19.44
N LEU B 219 4.68 -27.99 19.67
CA LEU B 219 5.60 -27.55 18.63
C LEU B 219 6.23 -28.80 18.00
N LEU B 220 5.91 -29.05 16.74
CA LEU B 220 6.43 -30.20 16.01
C LEU B 220 7.75 -29.91 15.32
N ALA B 221 7.95 -28.68 14.84
CA ALA B 221 9.16 -28.31 14.11
C ALA B 221 9.24 -26.81 14.08
N GLU B 222 10.46 -26.31 14.06
CA GLU B 222 10.72 -24.87 13.96
C GLU B 222 11.90 -24.74 13.00
N GLU B 223 11.82 -23.78 12.08
CA GLU B 223 12.89 -23.60 11.11
C GLU B 223 13.06 -22.14 10.74
N ARG B 224 14.31 -21.66 10.74
CA ARG B 224 14.58 -20.31 10.26
C ARG B 224 14.69 -20.30 8.73
N GLN B 225 14.10 -19.30 8.12
CA GLN B 225 14.17 -19.09 6.67
C GLN B 225 15.56 -18.59 6.28
N GLU B 226 16.18 -19.29 5.33
CA GLU B 226 17.47 -18.96 4.78
C GLU B 226 17.34 -18.05 3.56
N ASN B 227 18.47 -17.49 3.20
CA ASN B 227 18.61 -16.73 1.96
C ASN B 227 17.78 -15.48 1.88
N LEU B 228 17.52 -14.87 3.03
CA LEU B 228 16.88 -13.56 3.02
C LEU B 228 17.86 -12.42 2.99
N PRO B 229 17.47 -11.26 2.46
CA PRO B 229 18.31 -10.07 2.63
C PRO B 229 18.67 -9.77 4.06
N ASP B 230 19.83 -9.20 4.27
CA ASP B 230 20.35 -9.01 5.62
C ASP B 230 19.59 -7.97 6.40
N GLU B 231 18.92 -7.03 5.72
CA GLU B 231 18.32 -5.90 6.43
C GLU B 231 16.96 -6.17 7.08
N ILE B 232 16.36 -7.33 6.81
CA ILE B 232 15.00 -7.59 7.27
C ILE B 232 14.94 -8.47 8.52
N TYR B 233 13.81 -8.41 9.23
CA TYR B 233 13.61 -9.28 10.38
C TYR B 233 13.82 -10.72 9.92
N HIS B 234 14.42 -11.53 10.79
CA HIS B 234 14.47 -12.97 10.54
C HIS B 234 13.08 -13.55 10.47
N VAL B 235 12.94 -14.61 9.68
CA VAL B 235 11.66 -15.24 9.47
C VAL B 235 11.74 -16.70 9.90
N TYR B 236 10.75 -17.14 10.70
CA TYR B 236 10.67 -18.52 11.16
C TYR B 236 9.34 -19.15 10.85
N SER B 237 9.40 -20.47 10.63
CA SER B 237 8.24 -21.31 10.47
C SER B 237 8.11 -22.25 11.67
N PHE B 238 6.86 -22.45 12.10
CA PHE B 238 6.55 -23.33 13.22
C PHE B 238 5.41 -24.24 12.77
N ALA B 239 5.58 -25.57 12.92
CA ALA B 239 4.53 -26.52 12.66
C ALA B 239 4.01 -26.99 14.00
N LEU B 240 2.69 -26.98 14.13
CA LEU B 240 2.01 -27.20 15.42
C LEU B 240 0.86 -28.14 15.30
N ARG B 241 0.55 -28.87 16.36
CA ARG B 241 -0.80 -29.45 16.46
C ARG B 241 -1.25 -29.68 17.86
N TYR C 1 6.86 10.48 -9.69
CA TYR C 1 6.66 9.25 -8.88
C TYR C 1 7.83 9.07 -7.95
N PRO C 2 7.72 8.22 -6.91
CA PRO C 2 8.85 7.88 -6.05
C PRO C 2 10.00 7.41 -6.93
N LYS C 3 11.17 8.03 -6.75
CA LYS C 3 12.25 7.87 -7.71
C LYS C 3 13.60 7.82 -7.02
N ARG C 4 14.43 6.87 -7.44
CA ARG C 4 15.81 6.79 -6.91
CA ARG C 4 15.80 6.80 -6.92
C ARG C 4 16.59 8.08 -7.19
N ILE C 5 17.32 8.56 -6.19
CA ILE C 5 18.18 9.74 -6.36
C ILE C 5 19.23 9.41 -7.42
N ALA C 6 19.29 10.24 -8.46
CA ALA C 6 20.24 10.01 -9.53
C ALA C 6 21.62 10.45 -9.08
N TYR D 1 4.75 -8.96 6.38
CA TYR D 1 5.57 -9.07 5.14
C TYR D 1 7.03 -8.87 5.48
N PRO D 2 7.93 -9.27 4.58
CA PRO D 2 9.36 -9.01 4.80
C PRO D 2 9.57 -7.51 5.08
N LYS D 3 10.28 -7.19 6.15
CA LYS D 3 10.33 -5.80 6.60
C LYS D 3 11.70 -5.46 7.17
N ARG D 4 12.21 -4.28 6.80
CA ARG D 4 13.49 -3.82 7.35
C ARG D 4 13.40 -3.66 8.85
N ILE D 5 14.45 -4.04 9.55
CA ILE D 5 14.49 -3.92 11.00
C ILE D 5 14.47 -2.42 11.34
N ALA D 6 13.53 -2.05 12.20
CA ALA D 6 13.33 -0.65 12.57
C ALA D 6 14.46 -0.20 13.49
N SAH E . -0.82 11.79 -9.31
CA SAH E . -1.07 10.35 -9.54
CB SAH E . -0.33 9.85 -10.80
CG SAH E . 1.19 10.02 -10.73
SD SAH E . 2.06 9.52 -12.23
C SAH E . -0.67 9.56 -8.34
O SAH E . 0.09 10.03 -7.48
OXT SAH E . -1.10 8.35 -8.27
C5' SAH E . 2.14 11.08 -13.13
C4' SAH E . 0.92 11.38 -13.96
O4' SAH E . 1.12 12.66 -14.61
C3' SAH E . 0.61 10.39 -15.11
O3' SAH E . -0.75 9.92 -15.05
C2' SAH E . 0.84 11.20 -16.37
O2' SAH E . 0.02 10.88 -17.49
C1' SAH E . 0.55 12.61 -15.90
N9 SAH E . 1.17 13.73 -16.66
C8 SAH E . 2.45 13.80 -17.10
N7 SAH E . 2.67 15.00 -17.65
C5 SAH E . 1.51 15.69 -17.58
C6 SAH E . 1.10 16.99 -17.96
N6 SAH E . 1.94 17.84 -18.61
N1 SAH E . -0.16 17.35 -17.70
C2 SAH E . -1.02 16.49 -17.09
N3 SAH E . -0.74 15.25 -16.71
C4 SAH E . 0.54 14.85 -16.92
C1 GOL F . 8.82 12.85 -11.48
O1 GOL F . 8.54 11.46 -11.59
C2 GOL F . 7.51 13.52 -11.08
O2 GOL F . 7.27 13.34 -9.65
C3 GOL F . 7.54 14.94 -11.44
O3 GOL F . 6.47 15.69 -10.90
C1 GOL G . 7.20 -0.77 2.88
O1 GOL G . 7.75 0.23 2.02
C2 GOL G . 5.71 -0.82 2.53
O2 GOL G . 5.56 -1.33 1.22
C3 GOL G . 4.97 -1.73 3.47
O3 GOL G . 3.61 -1.94 3.04
C1 GOL H . -22.98 18.15 -11.59
O1 GOL H . -22.77 16.88 -10.99
C2 GOL H . -22.87 19.34 -10.64
O2 GOL H . -21.57 19.41 -10.03
C3 GOL H . -23.07 20.62 -11.47
O3 GOL H . -23.40 21.72 -10.61
UNK UNX I . 14.78 17.31 2.45
UNK UNX J . 7.88 27.54 -20.58
UNK UNX K . 6.22 3.89 -13.95
UNK UNX L . -5.01 15.82 10.82
UNK UNX M . -8.60 25.86 5.11
UNK UNX N . -13.41 5.42 -3.04
UNK UNX O . 10.92 3.64 -13.11
UNK UNX P . 10.53 30.74 -11.31
UNK UNX Q . 4.71 35.25 -0.65
UNK UNX R . 9.02 34.42 -5.83
UNK UNX S . 8.25 18.14 7.96
UNK UNX T . 0.20 8.69 8.41
UNK UNX U . 15.22 2.00 2.98
UNK UNX V . 18.42 15.06 -3.83
UNK UNX W . -4.82 0.42 -5.13
UNK UNX X . -1.98 31.36 -17.80
UNK UNX Y . 10.43 19.52 -6.91
UNK UNX Z . -8.59 30.17 -0.80
UNK UNX AA . -3.22 7.22 -23.91
UNK UNX BA . -15.81 22.66 -13.29
UNK UNX CA . -8.63 28.99 -13.90
UNK UNX DA . -16.98 25.57 10.24
UNK UNX EA . 0.58 4.48 7.39
UNK UNX FA . 0.01 -2.24 -9.32
UNK UNX GA . 8.63 11.17 -28.18
UNK UNX HA . -13.47 20.86 14.34
UNK UNX IA . -20.02 19.19 -6.03
UNK UNX JA . -19.02 26.83 -8.77
UNK UNX KA . -7.04 18.27 -24.85
UNK UNX LA . 4.45 24.08 8.05
UNK UNX MA . 18.68 16.84 -22.40
UNK UNX NA . -16.62 31.06 3.74
UNK UNX OA . -16.54 27.44 0.46
UNK UNX PA . 10.61 24.20 -28.26
UNK UNX QA . -4.70 -1.38 -7.64
UNK UNX RA . -18.73 21.92 1.85
UNK UNX SA . -18.73 13.70 1.03
N SAH TA . -0.29 -14.29 3.75
CA SAH TA . -0.19 -13.62 2.42
CB SAH TA . -0.52 -12.11 2.54
CG SAH TA . 0.44 -11.37 3.43
SD SAH TA . 0.03 -9.61 3.58
C SAH TA . 1.15 -13.83 1.80
O SAH TA . 1.24 -13.61 0.58
OXT SAH TA . 2.11 -14.16 2.50
C5' SAH TA . -1.02 -9.62 5.04
C4' SAH TA . -2.44 -9.98 4.83
O4' SAH TA . -3.10 -9.95 6.14
C3' SAH TA . -3.25 -9.04 3.95
O3' SAH TA . -3.91 -9.73 2.88
C2' SAH TA . -4.23 -8.37 4.90
O2' SAH TA . -5.48 -8.01 4.34
C1' SAH TA . -4.41 -9.44 5.92
N9 SAH TA . -4.87 -9.04 7.23
C8 SAH TA . -4.40 -8.05 8.03
N7 SAH TA . -4.99 -8.05 9.25
C5 SAH TA . -5.83 -9.10 9.24
C6 SAH TA . -6.69 -9.70 10.23
N6 SAH TA . -6.83 -9.13 11.43
N1 SAH TA . -7.39 -10.77 9.87
C2 SAH TA . -7.30 -11.34 8.65
N3 SAH TA . -6.47 -10.86 7.66
C4 SAH TA . -5.74 -9.78 7.96
C1 GOL UA . 4.16 -7.49 9.68
O1 GOL UA . 4.06 -7.08 8.31
C2 GOL UA . 3.84 -8.96 10.03
O2 GOL UA . 4.38 -9.89 9.08
C3 GOL UA . 2.38 -9.20 10.25
O3 GOL UA . 2.13 -10.53 10.79
UNK UNX VA . 9.51 -3.35 -5.19
UNK UNX WA . -6.91 -1.06 24.53
UNK UNX XA . -4.37 -10.59 -10.17
UNK UNX YA . 16.82 -15.38 15.10
UNK UNX ZA . -4.33 -31.55 16.93
UNK UNX AB . 12.63 -28.14 5.53
UNK UNX BB . -0.42 -9.11 25.70
UNK UNX CB . -3.42 -9.56 24.61
UNK UNX DB . -10.75 0.61 9.39
UNK UNX EB . 3.74 -7.75 -7.99
UNK UNX FB . -8.77 -3.97 4.62
UNK UNX GB . -7.03 -37.19 8.40
UNK UNX HB . 4.67 -36.38 9.37
UNK UNX IB . -9.72 -0.22 22.57
UNK UNX JB . -12.24 -18.88 -7.91
UNK UNX KB . -0.65 -39.78 -1.06
UNK UNX LB . -1.24 -36.24 -2.08
UNK UNX MB . -7.01 -8.61 22.99
UNK UNX NB . -0.19 -30.46 -8.46
UNK UNX OB . -0.54 -37.20 2.68
#